data_4I5U
#
_entry.id   4I5U
#
_cell.length_a   158.599
_cell.length_b   45.414
_cell.length_c   58.194
_cell.angle_alpha   90.000
_cell.angle_beta   95.470
_cell.angle_gamma   90.000
#
_symmetry.space_group_name_H-M   'C 1 2 1'
#
loop_
_entity.id
_entity.type
_entity.pdbx_description
1 polymer 'Chimeric cel6A'
2 non-polymer 'ACETATE ION'
3 non-polymer 1,2-ETHANEDIOL
4 non-polymer 'TETRAETHYLENE GLYCOL'
5 non-polymer 'TRIETHYLENE GLYCOL'
6 water water
#
_entity_poly.entity_id   1
_entity_poly.type   'polypeptide(L)'
_entity_poly.pdbx_seq_one_letter_code
;GNPFEGVQLWANNYYRSEVHTLAIPQITDPALRAAASAAAEVPSFLWLDTLDKTPLMEQTLADIRTANKNGGNYAGQFVV
YDLPDRDCAALASNGEYSIADGGVAKYKNYIDTIRQIVVEYSDIRTLLVIEPDSLANLVTNLGTPKCANAQSAYLECINY
AVTQLNLPNVAMYLDAGHAGWLGWPANLDPAAQLFANVYKNASSPRALRGLATNVANYNAWSIASPPPYTSPNPNYDEKH
YIEAFAPLLRNQGFDAKFIVDTGRNGKQPTGQLEWGHWCNVKGTGFGVRPTANTGHELVDAFVWVKPGGESDGTSDPSAP
RFDPHCALPDALQPAPQAGAWFQAYFVQLLTNANPSFLHHHHHH
;
_entity_poly.pdbx_strand_id   A
#
loop_
_chem_comp.id
_chem_comp.type
_chem_comp.name
_chem_comp.formula
ACT non-polymer 'ACETATE ION' 'C2 H3 O2 -1'
EDO non-polymer 1,2-ETHANEDIOL 'C2 H6 O2'
PG4 non-polymer 'TETRAETHYLENE GLYCOL' 'C8 H18 O5'
PGE non-polymer 'TRIETHYLENE GLYCOL' 'C6 H14 O4'
#
# COMPACT_ATOMS: atom_id res chain seq x y z
N GLY A 1 -13.15 2.88 18.04
N GLY A 1 -13.51 4.09 17.14
CA GLY A 1 -13.44 2.81 16.56
CA GLY A 1 -13.32 2.64 16.84
C GLY A 1 -12.20 2.54 15.70
C GLY A 1 -12.18 2.44 15.81
N ASN A 2 -11.02 2.93 16.21
CA ASN A 2 -9.80 2.83 15.38
C ASN A 2 -9.45 1.31 15.43
N PRO A 3 -9.48 0.61 14.26
CA PRO A 3 -9.12 -0.82 14.27
C PRO A 3 -7.72 -1.11 14.60
N PHE A 4 -6.82 -0.15 14.64
CA PHE A 4 -5.46 -0.37 15.04
C PHE A 4 -5.27 -0.28 16.55
N GLU A 5 -6.27 0.23 17.21
CA GLU A 5 -6.14 0.37 18.68
C GLU A 5 -6.57 -1.03 19.31
N GLY A 6 -5.77 -1.42 20.32
CA GLY A 6 -6.09 -2.64 21.12
C GLY A 6 -5.45 -3.93 20.56
N VAL A 7 -4.67 -3.78 19.46
CA VAL A 7 -4.05 -4.93 18.83
C VAL A 7 -2.58 -4.66 18.54
N GLN A 8 -1.76 -5.70 18.45
CA GLN A 8 -0.50 -5.61 17.85
C GLN A 8 -0.61 -5.92 16.37
N LEU A 9 0.39 -5.66 15.59
CA LEU A 9 0.40 -5.92 14.13
C LEU A 9 1.31 -7.05 13.91
N TRP A 10 0.89 -8.09 13.18
CA TRP A 10 1.72 -9.23 12.92
C TRP A 10 2.85 -8.95 11.92
N ALA A 11 4.05 -9.31 12.22
CA ALA A 11 5.18 -9.24 11.30
C ALA A 11 5.22 -10.56 10.60
N ASN A 12 5.00 -10.63 9.30
CA ASN A 12 4.79 -11.93 8.64
C ASN A 12 6.05 -12.64 8.30
N ASN A 13 5.91 -13.98 8.28
CA ASN A 13 7.08 -14.82 7.93
CA ASN A 13 7.05 -14.81 8.02
C ASN A 13 7.57 -14.78 6.55
N TYR A 14 6.82 -14.28 5.60
CA TYR A 14 7.27 -14.17 4.22
C TYR A 14 8.40 -13.12 4.13
N TYR A 15 8.12 -11.92 4.64
CA TYR A 15 9.16 -10.87 4.71
C TYR A 15 10.31 -11.30 5.59
N ARG A 16 10.00 -11.88 6.73
CA ARG A 16 11.12 -12.32 7.59
CA ARG A 16 11.10 -12.39 7.61
C ARG A 16 12.01 -13.30 6.85
N SER A 17 11.41 -14.20 6.10
CA SER A 17 12.25 -15.21 5.36
CA SER A 17 12.25 -15.20 5.35
C SER A 17 13.02 -14.52 4.27
N GLU A 18 12.48 -13.48 3.58
CA GLU A 18 13.34 -12.78 2.61
C GLU A 18 14.54 -12.18 3.31
N VAL A 19 14.34 -11.54 4.48
CA VAL A 19 15.45 -10.88 5.16
C VAL A 19 16.52 -11.99 5.57
N HIS A 20 16.01 -12.99 6.26
CA HIS A 20 16.92 -14.00 6.83
C HIS A 20 17.54 -14.88 5.78
N THR A 21 16.86 -15.28 4.73
CA THR A 21 17.46 -16.17 3.73
C THR A 21 18.16 -15.49 2.65
N LEU A 22 17.71 -14.24 2.27
CA LEU A 22 18.31 -13.56 1.13
C LEU A 22 19.17 -12.43 1.50
N ALA A 23 18.79 -11.64 2.51
CA ALA A 23 19.54 -10.45 2.82
C ALA A 23 20.69 -10.65 3.75
N ILE A 24 20.42 -11.15 4.93
CA ILE A 24 21.47 -11.27 5.97
C ILE A 24 22.75 -12.05 5.51
N PRO A 25 22.54 -13.10 4.70
CA PRO A 25 23.80 -13.81 4.25
C PRO A 25 24.64 -12.96 3.34
N GLN A 26 24.16 -11.86 2.78
CA GLN A 26 24.94 -10.96 2.00
C GLN A 26 25.52 -9.81 2.79
N ILE A 27 25.27 -9.73 4.11
CA ILE A 27 25.76 -8.58 4.83
C ILE A 27 26.90 -9.06 5.75
N THR A 28 28.04 -8.42 5.59
CA THR A 28 29.18 -8.82 6.50
C THR A 28 29.26 -8.06 7.84
N ASP A 29 28.89 -6.80 7.82
CA ASP A 29 29.04 -5.97 8.97
C ASP A 29 28.09 -6.44 10.12
N PRO A 30 28.60 -6.73 11.32
CA PRO A 30 27.72 -7.23 12.37
C PRO A 30 26.65 -6.25 12.76
N ALA A 31 26.95 -4.94 12.81
CA ALA A 31 25.93 -4.01 13.19
C ALA A 31 24.81 -3.97 12.13
N LEU A 32 25.16 -3.98 10.83
CA LEU A 32 24.12 -4.00 9.81
C LEU A 32 23.34 -5.28 9.76
N ARG A 33 23.96 -6.44 10.12
CA ARG A 33 23.21 -7.64 10.20
C ARG A 33 22.19 -7.57 11.34
N ALA A 34 22.58 -7.01 12.47
CA ALA A 34 21.61 -6.90 13.54
C ALA A 34 20.48 -5.94 13.19
N ALA A 35 20.88 -4.83 12.54
CA ALA A 35 19.84 -3.90 12.02
C ALA A 35 18.83 -4.62 11.06
N ALA A 36 19.33 -5.46 10.16
CA ALA A 36 18.49 -6.19 9.25
C ALA A 36 17.57 -7.10 9.95
N SER A 37 18.08 -7.79 11.01
CA SER A 37 17.20 -8.70 11.74
CA SER A 37 17.22 -8.68 11.85
C SER A 37 16.11 -7.91 12.46
N ALA A 38 16.45 -6.73 12.94
CA ALA A 38 15.43 -5.94 13.62
C ALA A 38 14.39 -5.49 12.59
N ALA A 39 14.81 -5.00 11.39
CA ALA A 39 13.86 -4.60 10.37
C ALA A 39 12.87 -5.69 10.04
N ALA A 40 13.33 -6.98 10.04
CA ALA A 40 12.43 -8.09 9.75
C ALA A 40 11.41 -8.30 10.78
N GLU A 41 11.56 -7.69 11.98
CA GLU A 41 10.54 -7.76 13.03
C GLU A 41 9.56 -6.62 13.05
N VAL A 42 9.72 -5.66 12.11
CA VAL A 42 8.78 -4.52 12.03
C VAL A 42 7.60 -4.99 11.17
N PRO A 43 6.39 -4.91 11.65
N PRO A 43 6.38 -4.83 11.65
CA PRO A 43 5.25 -5.55 10.85
CA PRO A 43 5.23 -5.34 10.89
C PRO A 43 4.74 -4.76 9.63
C PRO A 43 5.09 -4.57 9.60
N SER A 44 4.92 -5.33 8.49
CA SER A 44 4.55 -4.71 7.18
C SER A 44 3.46 -5.53 6.56
N PHE A 45 2.74 -4.93 5.61
CA PHE A 45 1.65 -5.65 4.93
C PHE A 45 2.14 -6.73 4.00
N LEU A 46 1.33 -7.78 3.90
CA LEU A 46 1.62 -8.90 2.92
C LEU A 46 0.72 -8.64 1.71
N TRP A 47 1.32 -8.62 0.52
CA TRP A 47 0.61 -8.30 -0.71
C TRP A 47 0.03 -9.49 -1.39
N LEU A 48 -1.24 -9.47 -1.69
CA LEU A 48 -1.92 -10.53 -2.40
C LEU A 48 -2.05 -10.17 -3.81
N ASP A 49 -0.94 -10.12 -4.53
CA ASP A 49 -0.95 -9.53 -5.87
C ASP A 49 -1.23 -10.55 -6.95
N THR A 50 -1.45 -11.80 -6.63
CA THR A 50 -1.94 -12.84 -7.57
C THR A 50 -2.92 -13.71 -6.80
N LEU A 51 -3.73 -14.48 -7.52
CA LEU A 51 -4.55 -15.49 -6.84
C LEU A 51 -3.67 -16.48 -6.13
N ASP A 52 -2.53 -16.82 -6.72
CA ASP A 52 -1.60 -17.78 -6.07
C ASP A 52 -1.02 -17.27 -4.84
N LYS A 53 -1.23 -16.04 -4.41
CA LYS A 53 -0.83 -15.57 -3.06
C LYS A 53 -1.87 -15.75 -2.09
N THR A 54 -3.08 -16.09 -2.45
CA THR A 54 -4.11 -16.26 -1.45
C THR A 54 -3.84 -17.38 -0.47
N PRO A 55 -3.20 -18.45 -0.81
CA PRO A 55 -2.78 -19.43 0.21
C PRO A 55 -1.92 -18.82 1.22
N LEU A 56 -1.06 -17.87 0.87
CA LEU A 56 -0.15 -17.12 1.81
CA LEU A 56 -0.16 -17.35 1.79
C LEU A 56 -0.97 -16.39 2.75
N MET A 57 -2.11 -15.78 2.38
CA MET A 57 -2.99 -15.07 3.33
C MET A 57 -3.50 -16.13 4.35
N GLU A 58 -3.94 -17.28 3.86
CA GLU A 58 -4.47 -18.28 4.77
C GLU A 58 -3.37 -18.76 5.71
N GLN A 59 -2.18 -19.02 5.25
CA GLN A 59 -1.11 -19.45 6.14
C GLN A 59 -0.78 -18.39 7.13
N THR A 60 -0.79 -17.13 6.77
CA THR A 60 -0.47 -16.07 7.65
C THR A 60 -1.51 -15.97 8.77
N LEU A 61 -2.80 -16.06 8.42
CA LEU A 61 -3.85 -16.02 9.40
C LEU A 61 -3.78 -17.27 10.27
N ALA A 62 -3.41 -18.42 9.74
CA ALA A 62 -3.22 -19.58 10.64
C ALA A 62 -2.11 -19.30 11.62
N ASP A 63 -1.02 -18.67 11.23
CA ASP A 63 0.04 -18.35 12.18
C ASP A 63 -0.43 -17.38 13.19
N ILE A 64 -1.27 -16.40 12.82
CA ILE A 64 -1.82 -15.46 13.75
C ILE A 64 -2.77 -16.14 14.74
N ARG A 65 -3.64 -17.03 14.28
CA ARG A 65 -4.55 -17.76 15.18
C ARG A 65 -3.67 -18.49 16.24
N THR A 66 -2.61 -19.15 15.84
CA THR A 66 -1.81 -19.86 16.83
C THR A 66 -1.26 -18.83 17.80
N ALA A 67 -0.70 -17.76 17.34
CA ALA A 67 -0.10 -16.72 18.23
C ALA A 67 -1.19 -16.21 19.14
N ASN A 68 -2.42 -15.95 18.72
CA ASN A 68 -3.46 -15.37 19.52
C ASN A 68 -4.03 -16.37 20.48
N LYS A 69 -4.15 -17.62 20.14
CA LYS A 69 -4.59 -18.62 21.17
C LYS A 69 -3.53 -18.74 22.24
N ASN A 70 -2.32 -18.39 22.00
CA ASN A 70 -1.19 -18.36 22.96
C ASN A 70 -0.99 -16.99 23.51
N GLY A 71 -1.99 -16.13 23.53
CA GLY A 71 -1.90 -14.84 24.28
C GLY A 71 -1.69 -13.67 23.41
N GLY A 72 -1.37 -13.85 22.15
CA GLY A 72 -1.22 -12.71 21.27
C GLY A 72 -2.55 -12.01 21.07
N ASN A 73 -2.40 -10.79 20.62
CA ASN A 73 -3.48 -9.95 20.23
C ASN A 73 -3.10 -9.35 18.89
N TYR A 74 -2.72 -10.17 17.93
CA TYR A 74 -2.29 -9.67 16.62
C TYR A 74 -3.42 -9.55 15.68
N ALA A 75 -3.28 -8.52 14.83
CA ALA A 75 -4.09 -8.34 13.59
C ALA A 75 -3.22 -8.62 12.38
N GLY A 76 -3.90 -9.14 11.36
CA GLY A 76 -3.22 -9.36 10.06
C GLY A 76 -3.35 -8.10 9.18
N GLN A 77 -2.36 -7.98 8.27
CA GLN A 77 -2.28 -6.79 7.36
C GLN A 77 -2.08 -7.33 5.97
N PHE A 78 -3.02 -7.08 5.07
CA PHE A 78 -2.93 -7.58 3.69
C PHE A 78 -3.31 -6.48 2.70
N VAL A 79 -2.72 -6.59 1.51
CA VAL A 79 -3.07 -5.74 0.36
C VAL A 79 -3.83 -6.56 -0.68
N VAL A 80 -5.00 -6.10 -1.05
CA VAL A 80 -5.85 -6.70 -2.13
C VAL A 80 -5.42 -5.97 -3.43
N TYR A 81 -4.80 -6.67 -4.37
CA TYR A 81 -4.13 -5.96 -5.50
C TYR A 81 -4.14 -6.89 -6.73
N ASP A 82 -5.34 -7.07 -7.33
CA ASP A 82 -5.41 -7.92 -8.50
C ASP A 82 -6.52 -7.50 -9.47
N LEU A 83 -6.85 -6.23 -9.57
CA LEU A 83 -7.90 -5.80 -10.53
C LEU A 83 -7.53 -6.23 -11.91
N PRO A 84 -8.56 -6.53 -12.74
CA PRO A 84 -8.29 -6.75 -14.18
C PRO A 84 -7.89 -5.42 -14.80
N ASP A 85 -7.01 -5.54 -15.82
CA ASP A 85 -6.41 -4.32 -16.44
C ASP A 85 -5.81 -3.41 -15.35
N ARG A 86 -5.12 -4.11 -14.44
CA ARG A 86 -4.48 -3.43 -13.27
C ARG A 86 -3.57 -2.35 -13.72
N ASP A 87 -3.46 -1.30 -12.96
CA ASP A 87 -2.47 -0.24 -13.24
C ASP A 87 -2.69 0.40 -14.58
N CYS A 88 -3.94 0.85 -14.85
CA CYS A 88 -4.30 1.17 -16.24
C CYS A 88 -3.46 2.26 -16.83
N ALA A 89 -2.91 3.24 -16.08
CA ALA A 89 -2.15 4.34 -16.74
C ALA A 89 -0.72 3.96 -16.78
N ALA A 90 -0.22 2.91 -16.22
CA ALA A 90 1.22 2.64 -16.20
C ALA A 90 1.66 2.12 -17.52
N LEU A 91 2.97 2.35 -17.81
CA LEU A 91 3.58 1.86 -19.03
C LEU A 91 3.79 0.36 -19.05
N ALA A 92 3.71 -0.28 -17.88
CA ALA A 92 3.84 -1.75 -17.82
C ALA A 92 3.03 -2.15 -16.58
N SER A 93 2.36 -3.29 -16.65
CA SER A 93 1.72 -3.87 -15.44
C SER A 93 2.01 -5.33 -15.37
N ASN A 94 2.15 -5.78 -14.15
CA ASN A 94 2.25 -7.19 -13.83
C ASN A 94 0.94 -7.80 -13.51
N GLY A 95 -0.20 -7.13 -13.65
CA GLY A 95 -1.45 -7.80 -13.28
C GLY A 95 -1.71 -9.00 -14.14
N GLU A 96 -2.21 -10.05 -13.59
CA GLU A 96 -2.46 -11.29 -14.30
C GLU A 96 -3.79 -11.30 -15.05
N TYR A 97 -4.74 -10.44 -14.76
CA TYR A 97 -6.09 -10.55 -15.40
C TYR A 97 -6.36 -9.38 -16.27
N SER A 98 -7.07 -9.70 -17.39
CA SER A 98 -7.45 -8.72 -18.40
C SER A 98 -8.95 -8.57 -18.50
N ILE A 99 -9.48 -7.38 -18.55
CA ILE A 99 -10.95 -7.22 -18.66
C ILE A 99 -11.46 -7.97 -19.88
N ALA A 100 -10.79 -7.85 -20.98
CA ALA A 100 -11.32 -8.42 -22.23
C ALA A 100 -11.33 -9.89 -22.18
N ASP A 101 -10.55 -10.60 -21.34
CA ASP A 101 -10.40 -12.06 -21.18
C ASP A 101 -10.88 -12.60 -19.82
N GLY A 102 -12.12 -12.37 -19.53
CA GLY A 102 -12.71 -12.97 -18.31
C GLY A 102 -12.22 -12.29 -17.04
N GLY A 103 -11.64 -11.08 -17.13
CA GLY A 103 -10.96 -10.48 -15.93
C GLY A 103 -11.94 -10.17 -14.83
N VAL A 104 -13.12 -9.68 -15.08
CA VAL A 104 -14.08 -9.33 -14.03
C VAL A 104 -14.53 -10.62 -13.31
N ALA A 105 -14.80 -11.69 -14.06
CA ALA A 105 -15.12 -12.97 -13.41
C ALA A 105 -13.96 -13.50 -12.63
N LYS A 106 -12.74 -13.37 -13.15
CA LYS A 106 -11.56 -13.82 -12.36
C LYS A 106 -11.45 -12.97 -11.09
N TYR A 107 -11.70 -11.71 -11.16
CA TYR A 107 -11.65 -10.85 -9.93
C TYR A 107 -12.69 -11.30 -8.97
N LYS A 108 -13.87 -11.63 -9.42
CA LYS A 108 -14.91 -12.15 -8.56
CA LYS A 108 -14.91 -12.12 -8.54
C LYS A 108 -14.44 -13.36 -7.83
N ASN A 109 -13.85 -14.31 -8.51
CA ASN A 109 -13.32 -15.51 -7.80
C ASN A 109 -12.21 -15.14 -6.82
N TYR A 110 -11.34 -14.20 -7.16
CA TYR A 110 -10.25 -13.76 -6.25
C TYR A 110 -10.88 -13.20 -4.98
N ILE A 111 -11.83 -12.29 -5.08
CA ILE A 111 -12.50 -11.77 -3.91
C ILE A 111 -13.26 -12.84 -3.18
N ASP A 112 -13.91 -13.76 -3.90
CA ASP A 112 -14.64 -14.83 -3.23
C ASP A 112 -13.71 -15.67 -2.40
N THR A 113 -12.54 -15.94 -2.92
CA THR A 113 -11.52 -16.74 -2.21
C THR A 113 -11.08 -15.97 -0.96
N ILE A 114 -10.75 -14.69 -1.05
CA ILE A 114 -10.39 -13.91 0.12
C ILE A 114 -11.51 -13.86 1.08
N ARG A 115 -12.76 -13.67 0.71
CA ARG A 115 -13.86 -13.66 1.68
C ARG A 115 -13.89 -14.99 2.42
N GLN A 116 -13.74 -16.12 1.75
CA GLN A 116 -13.83 -17.39 2.52
C GLN A 116 -12.69 -17.50 3.44
N ILE A 117 -11.50 -17.05 3.12
CA ILE A 117 -10.40 -17.10 4.10
C ILE A 117 -10.68 -16.18 5.26
N VAL A 118 -11.18 -14.99 5.10
CA VAL A 118 -11.43 -14.08 6.20
C VAL A 118 -12.55 -14.64 7.03
N VAL A 119 -13.58 -15.22 6.47
CA VAL A 119 -14.63 -15.91 7.26
C VAL A 119 -14.02 -17.11 8.01
N GLU A 120 -13.16 -17.88 7.37
CA GLU A 120 -12.50 -19.02 8.04
C GLU A 120 -11.79 -18.54 9.31
N TYR A 121 -11.24 -17.33 9.27
CA TYR A 121 -10.52 -16.67 10.38
C TYR A 121 -11.30 -15.54 10.92
N SER A 122 -12.59 -15.74 11.19
CA SER A 122 -13.44 -14.65 11.68
CA SER A 122 -13.50 -14.74 11.74
C SER A 122 -13.04 -14.27 13.08
N ASP A 123 -12.21 -15.05 13.78
CA ASP A 123 -11.64 -14.65 15.09
C ASP A 123 -10.51 -13.68 14.99
N ILE A 124 -9.96 -13.39 13.81
CA ILE A 124 -8.74 -12.60 13.64
C ILE A 124 -9.05 -11.25 13.03
N ARG A 125 -8.67 -10.17 13.65
CA ARG A 125 -8.88 -8.85 13.06
C ARG A 125 -7.96 -8.75 11.84
N THR A 126 -8.56 -8.32 10.72
CA THR A 126 -7.92 -8.35 9.35
C THR A 126 -7.99 -6.95 8.80
N LEU A 127 -6.83 -6.36 8.61
CA LEU A 127 -6.70 -4.95 8.16
C LEU A 127 -6.26 -4.97 6.71
N LEU A 128 -7.04 -4.38 5.84
CA LEU A 128 -6.83 -4.51 4.34
C LEU A 128 -6.66 -3.14 3.74
N VAL A 129 -5.65 -3.09 2.83
CA VAL A 129 -5.62 -1.98 1.86
C VAL A 129 -6.20 -2.49 0.56
N ILE A 130 -7.11 -1.75 0.00
CA ILE A 130 -7.84 -2.23 -1.18
C ILE A 130 -7.33 -1.46 -2.38
N GLU A 131 -6.63 -2.23 -3.25
CA GLU A 131 -6.32 -1.89 -4.64
C GLU A 131 -5.54 -0.63 -4.82
N PRO A 132 -4.26 -0.59 -4.46
CA PRO A 132 -3.34 0.48 -4.87
C PRO A 132 -3.42 0.75 -6.37
N ASP A 133 -3.18 1.98 -6.72
CA ASP A 133 -3.02 2.36 -8.16
C ASP A 133 -4.24 1.98 -8.96
N SER A 134 -5.46 2.29 -8.44
CA SER A 134 -6.67 1.93 -9.16
C SER A 134 -7.57 3.16 -9.26
N LEU A 135 -8.39 3.44 -8.28
CA LEU A 135 -9.36 4.59 -8.37
C LEU A 135 -8.69 5.91 -8.58
N ALA A 136 -7.49 6.13 -8.06
CA ALA A 136 -6.89 7.42 -8.30
C ALA A 136 -6.74 7.74 -9.78
N ASN A 137 -6.52 6.69 -10.58
CA ASN A 137 -6.44 6.88 -12.06
C ASN A 137 -7.72 7.39 -12.60
N LEU A 138 -8.84 7.10 -12.03
CA LEU A 138 -10.15 7.54 -12.60
C LEU A 138 -10.36 9.00 -12.28
N VAL A 139 -9.56 9.62 -11.43
CA VAL A 139 -9.66 11.06 -11.15
C VAL A 139 -8.81 11.77 -12.17
N THR A 140 -7.58 11.41 -12.48
CA THR A 140 -6.70 12.21 -13.30
C THR A 140 -6.34 11.60 -14.66
N ASN A 141 -6.54 10.30 -14.86
CA ASN A 141 -5.96 9.62 -16.02
CA ASN A 141 -5.97 9.62 -16.03
C ASN A 141 -7.02 9.11 -16.97
N LEU A 142 -8.18 9.68 -16.97
CA LEU A 142 -9.22 9.25 -18.00
C LEU A 142 -8.79 9.61 -19.43
N GLY A 143 -7.79 10.42 -19.59
CA GLY A 143 -7.32 10.69 -20.97
C GLY A 143 -6.45 9.55 -21.44
N THR A 144 -6.09 8.55 -20.61
CA THR A 144 -5.33 7.39 -21.05
C THR A 144 -6.35 6.33 -21.48
N PRO A 145 -6.24 5.83 -22.73
CA PRO A 145 -7.34 4.95 -23.26
C PRO A 145 -7.61 3.70 -22.39
N LYS A 146 -6.54 3.09 -21.85
CA LYS A 146 -6.77 1.90 -21.02
C LYS A 146 -7.57 2.24 -19.77
N CYS A 147 -7.32 3.42 -19.21
CA CYS A 147 -8.09 3.82 -18.03
C CYS A 147 -9.52 4.23 -18.35
N ALA A 148 -9.71 4.96 -19.47
CA ALA A 148 -11.09 5.30 -19.93
C ALA A 148 -11.87 4.02 -20.12
N ASN A 149 -11.27 2.99 -20.67
CA ASN A 149 -12.00 1.74 -20.89
C ASN A 149 -12.22 0.98 -19.63
N ALA A 150 -11.31 1.06 -18.65
CA ALA A 150 -11.37 0.24 -17.41
C ALA A 150 -12.34 0.83 -16.41
N GLN A 151 -12.98 1.98 -16.61
CA GLN A 151 -13.84 2.66 -15.58
C GLN A 151 -14.87 1.73 -15.08
N SER A 152 -15.65 1.12 -15.89
CA SER A 152 -16.76 0.35 -15.40
CA SER A 152 -16.80 0.34 -15.35
C SER A 152 -16.28 -0.86 -14.59
N ALA A 153 -15.29 -1.55 -15.08
CA ALA A 153 -14.75 -2.69 -14.38
C ALA A 153 -14.14 -2.28 -13.07
N TYR A 154 -13.35 -1.23 -12.99
CA TYR A 154 -12.74 -0.88 -11.73
C TYR A 154 -13.85 -0.59 -10.76
N LEU A 155 -14.85 0.19 -11.12
CA LEU A 155 -15.90 0.57 -10.16
C LEU A 155 -16.70 -0.61 -9.72
N GLU A 156 -17.06 -1.54 -10.59
CA GLU A 156 -17.81 -2.74 -10.19
C GLU A 156 -16.98 -3.67 -9.36
N CYS A 157 -15.71 -3.84 -9.70
CA CYS A 157 -14.84 -4.73 -8.93
C CYS A 157 -14.54 -4.19 -7.55
N ILE A 158 -14.30 -2.90 -7.42
CA ILE A 158 -14.11 -2.32 -6.10
CA ILE A 158 -14.15 -2.32 -6.11
C ILE A 158 -15.42 -2.44 -5.29
N ASN A 159 -16.59 -2.21 -5.90
CA ASN A 159 -17.83 -2.38 -5.16
C ASN A 159 -17.95 -3.80 -4.69
N TYR A 160 -17.57 -4.80 -5.51
CA TYR A 160 -17.65 -6.21 -5.09
C TYR A 160 -16.67 -6.46 -3.94
N ALA A 161 -15.46 -5.94 -4.00
CA ALA A 161 -14.49 -6.13 -2.93
C ALA A 161 -15.05 -5.58 -1.59
N VAL A 162 -15.51 -4.33 -1.59
CA VAL A 162 -15.86 -3.65 -0.32
C VAL A 162 -17.14 -4.17 0.20
N THR A 163 -18.04 -4.73 -0.59
CA THR A 163 -19.25 -5.36 -0.11
C THR A 163 -19.01 -6.78 0.33
N GLN A 164 -18.26 -7.57 -0.37
CA GLN A 164 -18.02 -8.95 0.00
C GLN A 164 -17.05 -9.07 1.18
N LEU A 165 -16.21 -8.09 1.40
CA LEU A 165 -15.25 -8.14 2.51
C LEU A 165 -15.77 -7.31 3.66
N ASN A 166 -17.04 -6.89 3.65
CA ASN A 166 -17.66 -6.15 4.71
C ASN A 166 -18.04 -7.14 5.83
N LEU A 167 -17.06 -7.50 6.64
CA LEU A 167 -17.24 -8.54 7.68
C LEU A 167 -16.84 -7.92 8.98
N PRO A 168 -17.35 -8.56 10.12
CA PRO A 168 -17.16 -7.91 11.43
C PRO A 168 -15.72 -7.85 11.92
N ASN A 169 -14.83 -8.71 11.37
CA ASN A 169 -13.44 -8.72 11.74
C ASN A 169 -12.57 -7.94 10.78
N VAL A 170 -13.15 -7.22 9.81
CA VAL A 170 -12.35 -6.55 8.76
C VAL A 170 -12.40 -5.03 8.99
N ALA A 171 -11.26 -4.36 8.73
CA ALA A 171 -11.29 -2.91 8.43
C ALA A 171 -10.58 -2.71 7.09
N MET A 172 -11.21 -2.05 6.17
CA MET A 172 -10.62 -1.74 4.86
C MET A 172 -10.32 -0.28 4.70
N TYR A 173 -9.21 -0.03 4.01
CA TYR A 173 -8.79 1.33 3.63
C TYR A 173 -8.60 1.30 2.13
N LEU A 174 -9.42 1.98 1.35
CA LEU A 174 -9.25 2.13 -0.14
CA LEU A 174 -9.25 1.90 -0.05
C LEU A 174 -8.07 2.85 -0.44
N ASP A 175 -7.24 2.40 -1.37
CA ASP A 175 -6.11 3.25 -1.75
C ASP A 175 -6.56 4.56 -2.32
N ALA A 176 -5.91 5.66 -1.92
CA ALA A 176 -6.24 6.99 -2.45
C ALA A 176 -4.94 7.70 -2.81
N GLY A 177 -4.02 7.05 -3.46
CA GLY A 177 -2.86 7.80 -3.99
C GLY A 177 -2.12 8.50 -2.92
N HIS A 178 -1.59 9.70 -3.18
CA HIS A 178 -0.68 10.43 -2.25
C HIS A 178 -0.84 11.90 -2.58
N ALA A 179 -0.17 12.73 -1.81
CA ALA A 179 -0.33 14.16 -1.93
C ALA A 179 0.01 14.66 -3.29
N GLY A 180 1.01 14.07 -3.94
CA GLY A 180 1.42 14.55 -5.31
C GLY A 180 0.57 13.96 -6.39
N TRP A 181 -0.48 13.19 -6.12
CA TRP A 181 -1.43 12.68 -7.08
C TRP A 181 -2.72 13.38 -6.83
N LEU A 182 -3.43 13.07 -5.77
CA LEU A 182 -4.81 13.64 -5.50
C LEU A 182 -4.78 14.84 -4.62
N GLY A 183 -3.64 15.23 -4.03
CA GLY A 183 -3.62 16.37 -3.09
C GLY A 183 -3.53 17.68 -3.77
N TRP A 184 -3.19 17.75 -5.09
CA TRP A 184 -3.25 19.02 -5.81
C TRP A 184 -4.63 19.56 -5.65
N PRO A 185 -4.79 20.88 -5.38
CA PRO A 185 -6.11 21.46 -5.11
C PRO A 185 -7.09 21.16 -6.19
N ALA A 186 -6.77 21.15 -7.48
CA ALA A 186 -7.75 20.87 -8.52
C ALA A 186 -8.25 19.43 -8.52
N ASN A 187 -7.57 18.49 -7.89
CA ASN A 187 -8.02 17.10 -7.85
C ASN A 187 -8.83 16.72 -6.65
N LEU A 188 -8.89 17.63 -5.67
CA LEU A 188 -9.51 17.23 -4.38
C LEU A 188 -11.03 17.04 -4.52
N ASP A 189 -11.73 18.00 -5.10
CA ASP A 189 -13.19 17.88 -5.22
C ASP A 189 -13.62 16.66 -6.08
N PRO A 190 -13.00 16.45 -7.26
CA PRO A 190 -13.37 15.25 -8.03
C PRO A 190 -13.01 13.95 -7.28
N ALA A 191 -11.88 13.93 -6.57
CA ALA A 191 -11.51 12.73 -5.80
C ALA A 191 -12.48 12.47 -4.71
N ALA A 192 -12.90 13.53 -4.00
CA ALA A 192 -13.85 13.33 -2.89
C ALA A 192 -15.21 12.80 -3.39
N GLN A 193 -15.63 13.31 -4.52
CA GLN A 193 -16.90 12.81 -5.02
C GLN A 193 -16.79 11.32 -5.41
N LEU A 194 -15.68 10.96 -6.08
CA LEU A 194 -15.49 9.58 -6.52
C LEU A 194 -15.44 8.64 -5.36
N PHE A 195 -14.60 8.92 -4.36
CA PHE A 195 -14.44 7.98 -3.28
C PHE A 195 -15.67 7.93 -2.39
N ALA A 196 -16.32 9.10 -2.13
CA ALA A 196 -17.59 9.06 -1.37
C ALA A 196 -18.64 8.30 -2.13
N ASN A 197 -18.70 8.40 -3.45
CA ASN A 197 -19.72 7.61 -4.21
C ASN A 197 -19.39 6.18 -4.21
N VAL A 198 -18.14 5.74 -4.16
CA VAL A 198 -17.88 4.33 -3.97
C VAL A 198 -18.41 3.85 -2.65
N TYR A 199 -18.14 4.61 -1.55
CA TYR A 199 -18.67 4.24 -0.29
C TYR A 199 -20.22 4.15 -0.26
N LYS A 200 -20.86 5.17 -0.81
CA LYS A 200 -22.34 5.18 -0.77
C LYS A 200 -22.90 4.17 -1.73
N ASN A 201 -22.31 3.91 -2.86
CA ASN A 201 -22.81 2.90 -3.76
C ASN A 201 -22.64 1.49 -3.26
N ALA A 202 -21.76 1.27 -2.28
CA ALA A 202 -21.63 0.04 -1.59
C ALA A 202 -22.49 -0.08 -0.36
N SER A 203 -23.45 0.83 -0.22
CA SER A 203 -24.37 0.87 0.96
C SER A 203 -23.61 1.19 2.22
N SER A 204 -22.60 2.05 2.12
CA SER A 204 -21.90 2.59 3.29
C SER A 204 -21.45 1.46 4.26
N PRO A 205 -20.60 0.55 3.76
CA PRO A 205 -20.24 -0.65 4.56
C PRO A 205 -19.54 -0.27 5.82
N ARG A 206 -19.96 -0.90 6.95
CA ARG A 206 -19.35 -0.62 8.22
C ARG A 206 -17.88 -0.88 8.19
N ALA A 207 -17.39 -1.91 7.50
CA ALA A 207 -15.95 -2.27 7.49
C ALA A 207 -15.15 -1.31 6.67
N LEU A 208 -15.74 -0.48 5.82
CA LEU A 208 -14.95 0.45 4.99
C LEU A 208 -14.61 1.67 5.83
N ARG A 209 -13.52 1.61 6.53
CA ARG A 209 -13.12 2.58 7.52
C ARG A 209 -12.61 3.88 6.90
N GLY A 210 -11.98 3.78 5.72
CA GLY A 210 -11.45 4.98 5.13
C GLY A 210 -10.50 4.67 4.01
N LEU A 211 -9.40 5.42 4.00
CA LEU A 211 -8.50 5.44 2.83
C LEU A 211 -7.09 5.25 3.30
N ALA A 212 -6.25 4.71 2.41
CA ALA A 212 -4.80 4.54 2.60
C ALA A 212 -4.06 5.52 1.69
N THR A 213 -3.05 6.18 2.17
CA THR A 213 -2.29 7.10 1.34
C THR A 213 -0.80 6.74 1.41
N ASN A 214 -0.07 7.22 0.42
CA ASN A 214 1.39 7.08 0.32
C ASN A 214 1.82 5.67 0.11
N VAL A 215 0.92 4.76 -0.24
CA VAL A 215 1.31 3.37 -0.44
C VAL A 215 2.32 3.23 -1.52
N ALA A 216 3.45 2.62 -1.22
CA ALA A 216 4.55 2.47 -2.17
C ALA A 216 5.12 3.80 -2.60
N ASN A 217 4.86 4.85 -1.87
N ASN A 217 4.84 4.88 -1.89
CA ASN A 217 5.41 6.16 -2.16
CA ASN A 217 5.44 6.19 -2.17
C ASN A 217 6.24 6.61 -0.97
C ASN A 217 6.26 6.61 -0.98
N TYR A 218 6.70 7.87 -1.04
CA TYR A 218 7.88 8.30 -0.25
C TYR A 218 7.61 9.61 0.45
N ASN A 219 6.40 10.16 0.33
CA ASN A 219 6.21 11.55 0.85
C ASN A 219 6.36 11.58 2.34
N ALA A 220 6.73 12.77 2.83
CA ALA A 220 6.72 12.95 4.28
C ALA A 220 5.29 12.89 4.78
N TRP A 221 5.14 12.50 6.05
CA TRP A 221 3.95 12.81 6.80
C TRP A 221 3.85 14.29 7.03
N SER A 222 4.87 14.85 7.72
CA SER A 222 4.95 16.26 7.99
C SER A 222 6.36 16.76 7.88
N ILE A 223 6.56 17.84 7.16
CA ILE A 223 7.86 18.41 6.95
C ILE A 223 7.70 19.88 6.97
N ALA A 224 8.71 20.56 7.52
CA ALA A 224 8.59 22.01 7.67
C ALA A 224 8.73 22.80 6.38
N SER A 225 9.57 22.32 5.50
CA SER A 225 9.86 23.03 4.21
C SER A 225 9.37 22.09 3.06
N PRO A 226 8.63 22.60 2.14
CA PRO A 226 8.15 21.70 1.02
C PRO A 226 9.36 21.22 0.18
N PRO A 227 9.54 19.96 -0.09
CA PRO A 227 10.62 19.56 -0.97
C PRO A 227 10.45 20.22 -2.31
N PRO A 228 11.55 20.58 -3.01
CA PRO A 228 11.37 21.32 -4.23
C PRO A 228 10.55 20.66 -5.32
N TYR A 229 10.61 19.33 -5.44
CA TYR A 229 9.82 18.60 -6.45
C TYR A 229 8.34 18.61 -6.13
N THR A 230 7.87 19.10 -5.00
CA THR A 230 6.44 19.23 -4.70
C THR A 230 5.88 20.54 -5.20
N SER A 231 6.70 21.53 -5.56
CA SER A 231 6.16 22.86 -5.88
C SER A 231 5.46 22.83 -7.21
N PRO A 232 4.34 23.55 -7.37
CA PRO A 232 3.76 24.49 -6.44
C PRO A 232 2.58 23.89 -5.67
N ASN A 233 2.52 22.63 -5.39
CA ASN A 233 1.38 22.08 -4.62
C ASN A 233 1.48 22.56 -3.21
N PRO A 234 0.40 23.22 -2.68
CA PRO A 234 0.43 23.60 -1.25
C PRO A 234 0.32 22.39 -0.36
N ASN A 235 -0.17 21.27 -0.88
CA ASN A 235 -0.32 20.06 -0.07
C ASN A 235 0.91 19.17 -0.36
N TYR A 236 1.99 19.51 0.26
CA TYR A 236 3.31 18.97 -0.11
C TYR A 236 3.72 17.79 0.73
N ASP A 237 2.88 17.36 1.68
CA ASP A 237 3.09 16.22 2.54
C ASP A 237 1.77 15.53 2.79
N GLU A 238 1.80 14.36 3.34
CA GLU A 238 0.56 13.61 3.54
C GLU A 238 -0.35 14.28 4.53
N LYS A 239 0.23 14.91 5.56
CA LYS A 239 -0.64 15.57 6.54
CA LYS A 239 -0.59 15.66 6.53
C LYS A 239 -1.48 16.65 5.84
N HIS A 240 -0.87 17.49 5.02
CA HIS A 240 -1.68 18.54 4.37
C HIS A 240 -2.66 17.99 3.37
N TYR A 241 -2.28 16.93 2.65
CA TYR A 241 -3.22 16.24 1.74
C TYR A 241 -4.43 15.73 2.53
N ILE A 242 -4.20 14.97 3.57
CA ILE A 242 -5.29 14.35 4.34
C ILE A 242 -6.13 15.43 5.01
N GLU A 243 -5.49 16.44 5.57
CA GLU A 243 -6.29 17.50 6.21
C GLU A 243 -7.16 18.20 5.19
N ALA A 244 -6.78 18.36 3.95
CA ALA A 244 -7.60 18.96 2.94
C ALA A 244 -8.63 18.01 2.40
N PHE A 245 -8.35 16.73 2.30
CA PHE A 245 -9.20 15.80 1.61
C PHE A 245 -10.31 15.21 2.55
N ALA A 246 -9.92 14.89 3.78
CA ALA A 246 -10.87 14.28 4.73
C ALA A 246 -12.18 15.08 4.89
N PRO A 247 -12.06 16.37 5.19
N PRO A 247 -12.14 16.49 4.95
CA PRO A 247 -13.37 17.06 5.39
CA PRO A 247 -13.43 17.23 5.17
C PRO A 247 -14.21 17.06 4.09
C PRO A 247 -14.25 17.13 3.99
N LEU A 248 -13.64 17.01 2.83
CA LEU A 248 -14.39 16.95 1.63
C LEU A 248 -15.09 15.68 1.43
N LEU A 249 -14.47 14.54 1.84
CA LEU A 249 -15.17 13.24 1.85
C LEU A 249 -16.30 13.28 2.85
N ARG A 250 -16.02 13.79 4.05
CA ARG A 250 -17.06 13.86 5.07
C ARG A 250 -18.17 14.72 4.63
N ASN A 251 -17.94 15.74 3.91
CA ASN A 251 -19.01 16.61 3.39
C ASN A 251 -19.96 15.84 2.49
N GLN A 252 -19.47 14.78 1.81
CA GLN A 252 -20.22 13.97 0.84
C GLN A 252 -20.64 12.70 1.49
N GLY A 253 -20.63 12.54 2.75
CA GLY A 253 -21.16 11.38 3.41
C GLY A 253 -20.23 10.18 3.56
N PHE A 254 -18.93 10.41 3.52
CA PHE A 254 -17.99 9.28 3.82
C PHE A 254 -17.06 9.88 4.84
N ASP A 255 -17.21 9.51 6.14
CA ASP A 255 -16.42 10.03 7.18
C ASP A 255 -15.10 9.26 7.32
N ALA A 256 -14.28 9.33 6.30
CA ALA A 256 -13.13 8.45 6.18
C ALA A 256 -12.02 8.78 7.21
N LYS A 257 -11.44 7.76 7.78
CA LYS A 257 -10.20 7.87 8.50
C LYS A 257 -9.05 7.27 7.67
N PHE A 258 -7.80 7.50 8.03
CA PHE A 258 -6.69 7.24 7.10
C PHE A 258 -5.66 6.42 7.73
N ILE A 259 -4.93 5.67 6.90
CA ILE A 259 -3.59 5.14 7.25
C ILE A 259 -2.58 5.66 6.24
N VAL A 260 -1.38 5.80 6.66
CA VAL A 260 -0.31 6.40 5.83
C VAL A 260 0.83 5.47 5.83
N ASP A 261 1.36 5.12 4.64
CA ASP A 261 2.54 4.26 4.49
C ASP A 261 3.77 5.05 4.78
N THR A 262 4.48 4.74 5.85
CA THR A 262 5.71 5.39 6.30
C THR A 262 6.88 4.46 6.12
N GLY A 263 6.76 3.40 5.33
CA GLY A 263 7.85 2.44 5.20
C GLY A 263 9.03 2.89 4.41
N ARG A 264 8.90 3.95 3.58
CA ARG A 264 10.06 4.39 2.75
C ARG A 264 10.21 5.88 2.76
N ASN A 265 9.71 6.54 3.82
CA ASN A 265 9.66 8.02 3.82
C ASN A 265 10.52 8.65 4.96
N GLY A 266 11.46 7.86 5.51
CA GLY A 266 12.23 8.41 6.64
C GLY A 266 13.29 9.40 6.27
N LYS A 267 13.74 9.47 5.03
CA LYS A 267 14.76 10.45 4.61
C LYS A 267 14.08 11.43 3.67
N GLN A 268 14.18 12.73 3.99
CA GLN A 268 13.48 13.82 3.28
C GLN A 268 14.47 14.97 3.05
N PRO A 269 14.36 15.67 1.95
CA PRO A 269 13.72 15.25 0.71
C PRO A 269 14.33 14.01 0.22
N THR A 270 13.62 13.28 -0.65
CA THR A 270 14.14 12.10 -1.30
C THR A 270 15.07 12.51 -2.47
N GLY A 271 15.54 11.47 -3.21
CA GLY A 271 16.32 11.72 -4.44
C GLY A 271 15.45 11.97 -5.66
N GLN A 272 14.14 12.08 -5.51
CA GLN A 272 13.25 12.29 -6.69
C GLN A 272 13.59 13.59 -7.41
N LEU A 273 13.71 13.51 -8.72
CA LEU A 273 13.78 14.71 -9.60
C LEU A 273 12.44 15.26 -9.92
N GLU A 274 11.46 14.36 -9.99
CA GLU A 274 10.10 14.81 -10.17
CA GLU A 274 10.04 14.70 -10.31
C GLU A 274 9.24 13.95 -9.32
N TRP A 275 8.10 14.57 -8.87
CA TRP A 275 7.27 13.88 -7.86
C TRP A 275 6.62 12.62 -8.38
N GLY A 276 6.38 12.54 -9.70
CA GLY A 276 5.81 11.33 -10.31
C GLY A 276 6.76 10.20 -10.55
N HIS A 277 8.04 10.37 -10.11
CA HIS A 277 9.00 9.23 -10.21
C HIS A 277 8.85 8.36 -9.06
N TRP A 278 8.29 7.21 -9.21
CA TRP A 278 7.88 6.32 -8.12
C TRP A 278 8.71 5.09 -7.98
N CYS A 279 9.56 4.72 -8.95
CA CYS A 279 10.19 3.43 -8.94
C CYS A 279 11.52 3.41 -8.22
N ASN A 280 11.71 2.56 -7.21
CA ASN A 280 12.95 2.27 -6.59
C ASN A 280 13.74 3.58 -6.28
N VAL A 281 13.08 4.54 -5.66
CA VAL A 281 13.65 5.91 -5.61
C VAL A 281 14.88 5.92 -4.75
N LYS A 282 15.94 6.61 -5.24
CA LYS A 282 17.15 6.80 -4.48
C LYS A 282 16.96 7.75 -3.30
N GLY A 283 17.86 7.58 -2.31
CA GLY A 283 17.91 8.57 -1.22
C GLY A 283 16.74 8.39 -0.24
N THR A 284 16.24 7.20 -0.07
CA THR A 284 15.10 6.98 0.87
C THR A 284 15.57 6.09 2.03
N GLY A 285 14.74 6.15 3.06
CA GLY A 285 14.97 5.36 4.32
C GLY A 285 13.71 4.84 4.81
N PHE A 286 13.80 3.75 5.62
CA PHE A 286 12.72 3.33 6.42
C PHE A 286 12.22 4.46 7.28
N GLY A 287 10.91 4.64 7.52
CA GLY A 287 10.40 5.79 8.26
C GLY A 287 9.79 5.36 9.61
N VAL A 288 8.88 6.17 10.10
CA VAL A 288 8.27 5.98 11.41
C VAL A 288 7.74 4.59 11.51
N ARG A 289 7.98 3.96 12.68
CA ARG A 289 7.57 2.58 12.86
C ARG A 289 6.11 2.50 13.01
N PRO A 290 5.49 1.38 12.56
CA PRO A 290 4.02 1.23 12.65
C PRO A 290 3.45 1.57 14.04
N THR A 291 2.41 2.32 14.09
CA THR A 291 1.80 2.69 15.39
C THR A 291 0.45 3.19 15.13
N ALA A 292 -0.45 3.02 16.11
CA ALA A 292 -1.77 3.72 16.23
C ALA A 292 -1.65 5.02 16.91
N ASN A 293 -0.53 5.32 17.51
CA ASN A 293 -0.34 6.60 18.26
C ASN A 293 0.14 7.68 17.37
N THR A 294 -0.77 8.19 16.51
CA THR A 294 -0.35 9.09 15.44
C THR A 294 -0.36 10.57 15.93
N GLY A 295 -1.10 10.80 16.98
CA GLY A 295 -1.34 12.25 17.37
C GLY A 295 -2.34 12.94 16.56
N HIS A 296 -3.11 12.25 15.68
CA HIS A 296 -3.99 12.98 14.75
C HIS A 296 -5.27 12.23 14.67
N GLU A 297 -6.46 12.77 14.93
CA GLU A 297 -7.61 11.97 14.92
C GLU A 297 -7.94 11.42 13.47
N LEU A 298 -7.56 12.16 12.46
CA LEU A 298 -7.85 11.63 11.09
C LEU A 298 -7.09 10.36 10.78
N VAL A 299 -6.01 10.11 11.48
CA VAL A 299 -5.07 9.11 11.05
C VAL A 299 -5.11 7.96 12.03
N ASP A 300 -5.70 6.83 11.65
CA ASP A 300 -5.78 5.63 12.49
C ASP A 300 -4.39 5.09 12.77
N ALA A 301 -3.45 5.12 11.80
CA ALA A 301 -2.16 4.50 12.00
C ALA A 301 -1.15 4.96 10.97
N PHE A 302 0.11 4.99 11.34
CA PHE A 302 1.23 4.92 10.40
C PHE A 302 1.55 3.46 10.26
N VAL A 303 1.75 2.98 9.03
CA VAL A 303 1.93 1.55 8.69
C VAL A 303 3.04 1.39 7.67
N TRP A 304 3.61 0.22 7.53
CA TRP A 304 4.54 -0.10 6.47
C TRP A 304 3.79 -0.94 5.49
N VAL A 305 3.34 -0.34 4.36
CA VAL A 305 2.50 -1.08 3.40
C VAL A 305 3.41 -1.73 2.35
N LYS A 306 4.09 -0.91 1.52
CA LYS A 306 5.08 -1.50 0.60
C LYS A 306 6.25 -2.04 1.38
N PRO A 307 6.65 -3.28 1.19
CA PRO A 307 7.73 -3.87 2.04
C PRO A 307 9.08 -3.43 1.51
N GLY A 308 9.90 -2.93 2.38
CA GLY A 308 11.21 -2.34 1.93
C GLY A 308 12.17 -3.37 1.58
N GLY A 309 12.72 -3.23 0.39
CA GLY A 309 13.63 -4.20 -0.15
C GLY A 309 13.00 -5.01 -1.27
N GLU A 310 11.69 -5.03 -1.47
CA GLU A 310 11.08 -5.64 -2.63
C GLU A 310 11.01 -4.64 -3.77
N SER A 311 11.56 -5.03 -4.94
CA SER A 311 11.65 -4.06 -6.01
C SER A 311 10.28 -3.52 -6.49
N ASP A 312 10.29 -2.35 -7.03
CA ASP A 312 9.11 -1.77 -7.69
C ASP A 312 9.03 -2.16 -9.16
N GLY A 313 10.12 -2.72 -9.70
CA GLY A 313 10.12 -2.99 -11.16
C GLY A 313 11.54 -3.19 -11.60
N THR A 314 11.69 -4.01 -12.67
CA THR A 314 13.05 -4.24 -13.26
C THR A 314 13.50 -2.98 -13.98
N SER A 315 14.82 -2.77 -13.92
CA SER A 315 15.45 -1.74 -14.72
C SER A 315 16.04 -2.28 -16.04
N ASP A 316 15.83 -3.55 -16.35
CA ASP A 316 16.43 -4.13 -17.59
C ASP A 316 15.45 -3.81 -18.73
N PRO A 317 15.87 -3.02 -19.71
CA PRO A 317 14.92 -2.68 -20.75
C PRO A 317 14.57 -3.86 -21.67
N SER A 318 15.33 -4.95 -21.63
CA SER A 318 14.96 -6.09 -22.45
C SER A 318 14.11 -7.11 -21.70
N ALA A 319 13.79 -6.86 -20.37
CA ALA A 319 13.09 -7.82 -19.65
C ALA A 319 11.60 -7.67 -19.89
N PRO A 320 10.84 -8.77 -19.64
CA PRO A 320 9.37 -8.54 -19.72
C PRO A 320 8.81 -7.51 -18.72
N ARG A 321 7.82 -6.84 -19.14
CA ARG A 321 7.08 -5.85 -18.32
C ARG A 321 8.01 -4.77 -17.77
N PHE A 322 9.01 -4.38 -18.50
CA PHE A 322 9.88 -3.21 -18.17
C PHE A 322 9.09 -1.99 -18.27
N ASP A 323 9.27 -1.15 -17.20
CA ASP A 323 8.65 0.18 -17.15
C ASP A 323 9.79 1.19 -17.14
N PRO A 324 9.85 2.08 -18.16
CA PRO A 324 10.95 3.08 -18.22
C PRO A 324 11.11 3.87 -16.94
N HIS A 325 10.07 4.00 -16.13
CA HIS A 325 10.29 4.75 -14.82
C HIS A 325 11.33 4.11 -14.00
N CYS A 326 11.59 2.78 -14.16
CA CYS A 326 12.55 2.08 -13.37
C CYS A 326 13.97 2.20 -13.90
N ALA A 327 14.12 2.92 -15.02
CA ALA A 327 15.48 3.18 -15.56
C ALA A 327 15.83 4.60 -15.41
N LEU A 328 15.05 5.46 -14.77
CA LEU A 328 15.35 6.89 -14.56
C LEU A 328 16.54 7.03 -13.64
N PRO A 329 17.22 8.21 -13.69
CA PRO A 329 18.43 8.32 -12.91
C PRO A 329 18.20 8.47 -11.41
N ASP A 330 16.99 8.76 -10.98
CA ASP A 330 16.64 8.71 -9.53
C ASP A 330 16.09 7.37 -9.16
N ALA A 331 16.15 6.32 -9.96
CA ALA A 331 15.73 4.96 -9.60
C ALA A 331 17.01 4.14 -9.38
N LEU A 332 17.17 3.46 -8.29
CA LEU A 332 18.36 2.64 -8.04
C LEU A 332 18.39 1.49 -8.98
N GLN A 333 19.60 1.20 -9.48
CA GLN A 333 19.80 0.19 -10.55
C GLN A 333 21.11 -0.58 -10.29
N PRO A 334 21.24 -1.81 -10.78
CA PRO A 334 20.21 -2.59 -11.49
C PRO A 334 19.19 -3.15 -10.48
N ALA A 335 17.95 -3.16 -10.95
CA ALA A 335 16.83 -3.64 -10.12
C ALA A 335 16.19 -4.88 -10.73
N PRO A 336 15.75 -5.83 -9.89
CA PRO A 336 15.11 -7.05 -10.38
C PRO A 336 13.60 -6.74 -10.56
N GLN A 337 12.88 -7.78 -11.06
CA GLN A 337 11.50 -7.68 -11.33
C GLN A 337 10.68 -7.21 -10.10
N ALA A 338 9.54 -6.60 -10.37
CA ALA A 338 8.65 -6.13 -9.28
C ALA A 338 8.38 -7.25 -8.27
N GLY A 339 8.56 -6.95 -7.01
CA GLY A 339 8.29 -7.88 -5.93
C GLY A 339 9.49 -8.67 -5.62
N ALA A 340 10.53 -8.81 -6.45
CA ALA A 340 11.70 -9.62 -6.16
C ALA A 340 12.61 -8.87 -5.22
N TRP A 341 13.44 -9.61 -4.47
CA TRP A 341 14.31 -9.01 -3.48
C TRP A 341 15.37 -8.17 -4.11
N PHE A 342 15.57 -6.98 -3.64
CA PHE A 342 16.52 -5.98 -4.22
C PHE A 342 17.43 -5.59 -3.11
N GLN A 343 18.55 -6.34 -2.98
CA GLN A 343 19.41 -6.18 -1.81
C GLN A 343 19.98 -4.82 -1.61
N ALA A 344 20.44 -4.17 -2.70
CA ALA A 344 21.03 -2.86 -2.49
C ALA A 344 19.99 -1.83 -2.00
N TYR A 345 18.73 -2.06 -2.42
CA TYR A 345 17.66 -1.14 -1.97
C TYR A 345 17.35 -1.37 -0.49
N PHE A 346 17.30 -2.63 -0.07
CA PHE A 346 17.12 -2.90 1.35
C PHE A 346 18.23 -2.28 2.18
N VAL A 347 19.50 -2.41 1.73
CA VAL A 347 20.58 -1.77 2.48
C VAL A 347 20.45 -0.26 2.51
N GLN A 348 20.03 0.32 1.38
CA GLN A 348 19.78 1.78 1.34
C GLN A 348 18.76 2.21 2.43
N LEU A 349 17.64 1.48 2.47
CA LEU A 349 16.56 1.83 3.39
C LEU A 349 17.05 1.67 4.85
N LEU A 350 17.84 0.60 5.09
CA LEU A 350 18.35 0.38 6.44
C LEU A 350 19.31 1.45 6.86
N THR A 351 20.20 1.84 5.96
CA THR A 351 21.20 2.86 6.30
C THR A 351 20.63 4.17 6.44
N ASN A 352 19.56 4.51 5.69
CA ASN A 352 18.94 5.82 5.78
C ASN A 352 17.76 5.93 6.71
N ALA A 353 17.52 4.84 7.50
CA ALA A 353 16.35 4.71 8.30
C ALA A 353 16.20 5.85 9.29
N ASN A 354 15.05 6.37 9.54
CA ASN A 354 14.76 7.36 10.56
C ASN A 354 13.38 7.09 11.08
N PRO A 355 13.21 6.49 12.28
CA PRO A 355 14.28 6.30 13.30
C PRO A 355 15.25 5.27 12.81
N SER A 356 16.49 5.39 13.33
CA SER A 356 17.56 4.52 12.93
C SER A 356 17.41 3.10 13.52
N PHE A 357 18.00 2.15 12.81
CA PHE A 357 18.19 0.80 13.32
C PHE A 357 19.60 0.64 13.85
N LEU A 358 20.48 1.52 13.47
CA LEU A 358 21.92 1.32 13.85
C LEU A 358 22.03 2.12 15.09
C ACT B . -18.92 5.17 -8.03
O ACT B . -18.97 3.92 -7.72
OXT ACT B . -19.93 5.65 -8.67
CH3 ACT B . -17.68 6.07 -7.73
C ACT C . -17.64 -8.52 -9.83
O ACT C . -18.44 -9.50 -10.05
OXT ACT C . -18.19 -7.39 -9.80
CH3 ACT C . -16.21 -8.66 -9.56
C1 EDO D . 9.94 7.48 -18.03
O1 EDO D . 8.98 8.38 -17.47
C2 EDO D . 10.49 8.08 -19.32
O2 EDO D . 11.87 7.72 -19.64
C1 EDO E . -7.84 -16.69 18.35
O1 EDO E . -8.58 -17.90 18.01
C2 EDO E . -8.60 -16.42 19.70
O2 EDO E . -7.77 -16.00 20.82
C1 EDO F . 4.64 -4.99 -4.54
O1 EDO F . 5.14 -3.64 -4.66
C2 EDO F . 5.08 -5.69 -3.24
O2 EDO F . 6.52 -5.50 -3.12
C1 EDO G . -20.26 1.45 -12.28
O1 EDO G . -20.77 0.91 -13.53
C2 EDO G . -20.64 0.44 -11.20
O2 EDO G . -20.94 0.90 -9.88
C1 EDO H . -4.16 -6.28 -17.82
O1 EDO H . -4.09 -6.98 -19.08
C2 EDO H . -3.41 -6.85 -16.59
O2 EDO H . -3.94 -6.65 -15.27
C1 EDO I . 3.44 25.85 -2.62
O1 EDO I . 3.43 27.28 -2.90
C2 EDO I . 3.98 25.54 -1.21
O2 EDO I . 2.97 26.09 -0.36
C1 EDO J . -17.44 13.15 12.09
O1 EDO J . -18.75 13.07 12.94
C2 EDO J . -16.12 13.04 12.99
O2 EDO J . -15.32 11.86 12.66
C1 EDO K . 1.41 -0.21 -6.24
O1 EDO K . 1.52 1.21 -6.64
C2 EDO K . 2.61 -1.15 -6.43
O2 EDO K . 3.64 -1.20 -5.35
C1 EDO L . 3.24 16.93 13.85
O1 EDO L . 2.91 17.54 12.61
C2 EDO L . 3.62 15.61 13.38
O2 EDO L . 2.41 14.90 13.45
C1 EDO M . 0.89 10.13 -10.63
O1 EDO M . 1.55 9.01 -11.25
C2 EDO M . 1.96 11.05 -10.03
O2 EDO M . 2.54 10.59 -8.80
C2 PG4 N . -12.07 -16.91 -17.59
O2 PG4 N . -12.08 -17.02 -16.20
C3 PG4 N . -13.35 -17.37 -15.44
C4 PG4 N . -13.62 -17.32 -13.99
O3 PG4 N . -13.41 -18.22 -12.77
C5 PG4 N . -12.06 -18.36 -12.42
C6 PG4 N . -11.61 -19.37 -11.60
O4 PG4 N . -10.34 -19.48 -11.12
C7 PG4 N . -9.35 -19.81 -12.14
C8 PG4 N . -7.93 -19.53 -11.91
O5 PG4 N . -7.06 -19.84 -13.08
C1 PGE O . -9.60 -20.98 0.63
O1 PGE O . -9.39 -21.99 -0.38
C2 PGE O . -10.72 -21.57 1.39
O2 PGE O . -11.02 -20.83 2.50
C3 PGE O . -11.93 -21.47 3.48
C4 PGE O . -11.28 -22.76 3.79
O4 PGE O . -11.29 -27.04 3.91
C6 PGE O . -11.37 -25.56 3.90
C5 PGE O . -11.89 -24.85 5.16
O3 PGE O . -12.16 -23.43 4.79
O2 PGE P . -10.85 -9.00 16.94
C3 PGE P . -11.66 -8.85 15.73
C4 PGE P . -12.45 -7.53 15.71
O4 PGE P . -12.49 -3.49 13.74
C6 PGE P . -12.53 -4.76 13.06
C5 PGE P . -13.06 -5.91 13.94
O3 PGE P . -12.03 -6.70 14.61
#